data_4JWJ
#
_entry.id   4JWJ
#
_cell.length_a   131.583
_cell.length_b   58.861
_cell.length_c   99.767
_cell.angle_alpha   90.000
_cell.angle_beta   131.130
_cell.angle_gamma   90.000
#
_symmetry.space_group_name_H-M   'C 1 2 1'
#
loop_
_entity.id
_entity.type
_entity.pdbx_description
1 polymer 'tRNA (guanine(9)-N1)-methyltransferase'
2 non-polymer 'SULFATE ION'
3 non-polymer S-ADENOSYL-L-HOMOCYSTEINE
4 non-polymer 2-AMINO-2-HYDROXYMETHYL-PROPANE-1,3-DIOL
5 water water
#
_entity_poly.entity_id   1
_entity_poly.type   'polypeptide(L)'
_entity_poly.pdbx_seq_one_letter_code
;MGHHHHHHMPRINVNQTDSGIEIILDCSFDELMNDKEIVSLSNQVTRAYSANRRANHFAEIKVAPFDKRLKQRFETTLKN
TNYENWNHFKFLPDDKIMFGDEHISKDKIVYLTADTEEKLEKLEPGMRYIVGGIVDKNRYKELCLKKAQKMGIPTRRLPI
DEYINLEGRRVLTTTHVVQLMLKYFDDHNWKNAFESVLPPRK
;
_entity_poly.pdbx_strand_id   A,B
#
# COMPACT_ATOMS: atom_id res chain seq x y z
N HIS A 8 -22.97 -6.05 21.26
CA HIS A 8 -23.84 -6.93 22.10
C HIS A 8 -23.20 -7.10 23.47
N MET A 9 -23.02 -8.34 23.94
CA MET A 9 -22.48 -8.58 25.28
C MET A 9 -21.20 -9.39 25.31
N PRO A 10 -20.04 -8.72 25.11
CA PRO A 10 -18.79 -9.46 25.04
C PRO A 10 -18.35 -9.96 26.41
N ARG A 11 -17.57 -11.03 26.44
CA ARG A 11 -16.94 -11.47 27.66
C ARG A 11 -15.76 -10.56 27.98
N ILE A 12 -15.72 -9.98 29.19
CA ILE A 12 -14.59 -9.12 29.56
C ILE A 12 -13.91 -9.53 30.88
N ASN A 13 -12.73 -8.95 31.12
CA ASN A 13 -12.04 -9.01 32.41
C ASN A 13 -12.62 -7.82 33.17
N VAL A 14 -13.59 -8.08 34.05
CA VAL A 14 -14.31 -6.98 34.71
C VAL A 14 -13.42 -6.14 35.63
N ASN A 15 -12.27 -6.68 36.01
CA ASN A 15 -11.29 -5.91 36.80
C ASN A 15 -10.33 -5.06 35.97
N GLN A 16 -10.46 -5.07 34.64
CA GLN A 16 -9.46 -4.36 33.80
C GLN A 16 -9.61 -2.85 33.88
N THR A 17 -8.50 -2.14 33.76
CA THR A 17 -8.52 -0.69 33.75
C THR A 17 -7.79 -0.11 32.53
N ASP A 18 -8.04 1.16 32.23
CA ASP A 18 -7.51 1.82 31.04
C ASP A 18 -5.99 2.03 31.16
N SER A 19 -5.20 1.47 30.23
CA SER A 19 -3.77 1.76 30.16
C SER A 19 -3.51 3.20 29.81
N GLY A 20 -4.46 3.85 29.16
CA GLY A 20 -4.31 5.23 28.71
C GLY A 20 -3.62 5.42 27.35
N ILE A 21 -3.30 4.30 26.69
CA ILE A 21 -2.71 4.42 25.36
C ILE A 21 -3.73 4.05 24.28
N GLU A 22 -3.43 4.50 23.07
CA GLU A 22 -4.17 4.07 21.90
C GLU A 22 -3.23 3.25 21.02
N ILE A 23 -3.78 2.27 20.33
CA ILE A 23 -2.98 1.48 19.38
C ILE A 23 -3.74 1.54 18.07
N ILE A 24 -3.07 1.95 16.99
CA ILE A 24 -3.72 1.96 15.67
C ILE A 24 -3.15 0.76 14.91
N LEU A 25 -4.02 -0.09 14.39
CA LEU A 25 -3.59 -1.14 13.47
C LEU A 25 -3.74 -0.46 12.11
N ASP A 26 -2.61 -0.27 11.43
CA ASP A 26 -2.55 0.52 10.22
C ASP A 26 -2.82 -0.54 9.14
N CYS A 27 -4.05 -0.56 8.62
CA CYS A 27 -4.44 -1.62 7.67
C CYS A 27 -4.57 -0.97 6.28
N SER A 28 -3.52 -0.30 5.85
CA SER A 28 -3.56 0.39 4.57
C SER A 28 -2.82 -0.38 3.46
N PHE A 29 -2.65 -1.67 3.67
CA PHE A 29 -1.80 -2.52 2.83
C PHE A 29 -2.54 -3.64 2.14
N ASP A 30 -3.86 -3.47 1.93
N ASP A 30 -3.85 -3.50 2.00
CA ASP A 30 -4.74 -4.50 1.31
CA ASP A 30 -4.67 -4.63 1.60
C ASP A 30 -4.06 -5.14 0.11
C ASP A 30 -4.18 -5.25 0.29
N GLU A 31 -3.72 -4.28 -0.84
N GLU A 31 -3.84 -4.39 -0.68
CA GLU A 31 -3.24 -4.64 -2.18
CA GLU A 31 -3.42 -4.84 -2.02
C GLU A 31 -1.92 -5.39 -2.13
C GLU A 31 -2.05 -5.55 -2.03
N LEU A 32 -1.27 -5.37 -0.98
CA LEU A 32 0.04 -6.06 -0.84
C LEU A 32 -0.02 -7.52 -0.44
N MET A 33 -1.20 -8.00 -0.04
CA MET A 33 -1.36 -9.33 0.52
C MET A 33 -2.15 -10.23 -0.44
N ASN A 34 -1.94 -11.54 -0.34
CA ASN A 34 -2.83 -12.48 -1.04
C ASN A 34 -4.07 -12.80 -0.19
N ASP A 35 -4.95 -13.63 -0.75
CA ASP A 35 -6.19 -13.97 -0.07
C ASP A 35 -5.97 -14.66 1.27
N LYS A 36 -4.99 -15.56 1.34
CA LYS A 36 -4.69 -16.28 2.57
C LYS A 36 -4.23 -15.30 3.66
N GLU A 37 -3.45 -14.33 3.25
CA GLU A 37 -2.92 -13.33 4.17
C GLU A 37 -3.97 -12.36 4.70
N ILE A 38 -4.96 -12.02 3.87
CA ILE A 38 -6.11 -11.26 4.33
C ILE A 38 -6.90 -12.03 5.41
N VAL A 39 -6.98 -13.35 5.21
CA VAL A 39 -7.54 -14.24 6.24
C VAL A 39 -6.75 -14.17 7.54
N SER A 40 -5.44 -14.46 7.49
CA SER A 40 -4.56 -14.32 8.65
C SER A 40 -4.77 -12.97 9.36
N LEU A 41 -4.90 -11.89 8.58
CA LEU A 41 -5.02 -10.54 9.16
C LEU A 41 -6.29 -10.36 9.96
N SER A 42 -7.41 -10.79 9.38
CA SER A 42 -8.71 -10.73 10.03
C SER A 42 -8.70 -11.48 11.37
N ASN A 43 -8.06 -12.64 11.39
CA ASN A 43 -7.93 -13.46 12.58
C ASN A 43 -6.97 -12.84 13.61
N GLN A 44 -5.96 -12.14 13.11
CA GLN A 44 -5.07 -11.40 13.99
C GLN A 44 -5.81 -10.25 14.65
N VAL A 45 -6.72 -9.62 13.91
CA VAL A 45 -7.55 -8.54 14.45
C VAL A 45 -8.50 -9.06 15.54
N THR A 46 -9.15 -10.20 15.27
CA THR A 46 -10.03 -10.81 16.29
C THR A 46 -9.25 -11.25 17.53
N ARG A 47 -8.01 -11.72 17.33
CA ARG A 47 -7.17 -12.12 18.46
C ARG A 47 -6.75 -10.90 19.30
N ALA A 48 -6.47 -9.77 18.63
CA ALA A 48 -6.14 -8.50 19.31
C ALA A 48 -7.27 -8.10 20.25
N TYR A 49 -8.50 -8.22 19.74
CA TYR A 49 -9.69 -7.95 20.53
C TYR A 49 -9.79 -8.88 21.73
N SER A 50 -9.56 -10.18 21.51
CA SER A 50 -9.56 -11.14 22.61
C SER A 50 -8.51 -10.77 23.66
N ALA A 51 -7.29 -10.40 23.23
CA ALA A 51 -6.22 -10.00 24.16
C ALA A 51 -6.62 -8.76 24.96
N ASN A 52 -7.26 -7.82 24.29
CA ASN A 52 -7.68 -6.58 24.91
C ASN A 52 -8.76 -6.77 25.98
N ARG A 53 -9.75 -7.63 25.68
CA ARG A 53 -10.80 -7.94 26.64
C ARG A 53 -10.26 -8.71 27.87
N ARG A 54 -9.24 -9.53 27.67
CA ARG A 54 -8.66 -10.33 28.74
C ARG A 54 -7.70 -9.53 29.62
N ALA A 55 -7.03 -8.54 29.03
CA ALA A 55 -5.88 -7.87 29.64
C ALA A 55 -6.27 -7.19 30.97
N ASN A 56 -5.35 -7.18 31.95
CA ASN A 56 -5.59 -6.39 33.16
C ASN A 56 -5.64 -4.90 32.85
N HIS A 57 -4.95 -4.49 31.79
CA HIS A 57 -4.98 -3.09 31.35
C HIS A 57 -5.24 -3.03 29.85
N PHE A 58 -6.35 -2.41 29.46
CA PHE A 58 -6.72 -2.37 28.05
C PHE A 58 -6.17 -1.12 27.37
N ALA A 59 -6.11 -1.17 26.05
CA ALA A 59 -5.87 0.00 25.26
C ALA A 59 -7.14 0.35 24.47
N GLU A 60 -7.21 1.56 23.98
CA GLU A 60 -8.20 1.91 22.95
C GLU A 60 -7.61 1.57 21.60
N ILE A 61 -8.13 0.51 20.98
CA ILE A 61 -7.55 0.03 19.70
C ILE A 61 -8.38 0.50 18.53
N LYS A 62 -7.70 0.89 17.43
CA LYS A 62 -8.43 1.30 16.24
C LYS A 62 -7.84 0.58 15.05
N VAL A 63 -8.73 0.15 14.16
CA VAL A 63 -8.32 -0.35 12.85
C VAL A 63 -8.58 0.77 11.85
N ALA A 64 -7.52 1.24 11.18
CA ALA A 64 -7.63 2.36 10.23
C ALA A 64 -6.56 2.27 9.15
N PRO A 65 -6.92 2.45 7.87
CA PRO A 65 -8.29 2.48 7.32
C PRO A 65 -8.85 1.07 7.38
N PHE A 66 -10.17 0.96 7.35
CA PHE A 66 -10.79 -0.36 7.39
C PHE A 66 -11.52 -0.44 6.06
N ASP A 67 -10.95 -1.18 5.11
CA ASP A 67 -11.44 -1.11 3.74
C ASP A 67 -11.14 -2.37 2.92
N LYS A 68 -11.69 -2.44 1.71
CA LYS A 68 -11.26 -3.44 0.73
C LYS A 68 -11.46 -4.86 1.25
N ARG A 69 -10.56 -5.80 0.93
CA ARG A 69 -10.84 -7.21 1.27
C ARG A 69 -10.96 -7.53 2.77
N LEU A 70 -10.17 -6.84 3.59
CA LEU A 70 -10.31 -6.99 5.03
C LEU A 70 -11.74 -6.62 5.47
N LYS A 71 -12.23 -5.47 5.02
CA LYS A 71 -13.57 -5.04 5.39
C LYS A 71 -14.61 -6.04 4.85
N GLN A 72 -14.43 -6.43 3.59
CA GLN A 72 -15.30 -7.40 2.92
C GLN A 72 -15.40 -8.70 3.74
N ARG A 73 -14.27 -9.17 4.25
CA ARG A 73 -14.26 -10.39 5.04
C ARG A 73 -15.02 -10.26 6.37
N PHE A 74 -14.93 -9.08 6.99
CA PHE A 74 -15.68 -8.82 8.21
C PHE A 74 -17.17 -8.70 7.93
N GLU A 75 -17.51 -8.11 6.79
CA GLU A 75 -18.91 -7.94 6.40
C GLU A 75 -19.57 -9.28 6.05
N THR A 76 -18.75 -10.31 5.85
CA THR A 76 -19.23 -11.64 5.43
C THR A 76 -18.87 -12.86 6.31
N THR A 77 -17.64 -13.36 6.24
CA THR A 77 -17.27 -14.55 7.01
C THR A 77 -17.31 -14.27 8.51
N LEU A 78 -17.00 -13.03 8.92
CA LEU A 78 -16.97 -12.68 10.35
C LEU A 78 -18.14 -11.79 10.80
N LYS A 79 -19.18 -11.70 9.98
CA LYS A 79 -20.36 -10.85 10.24
C LYS A 79 -20.97 -11.06 11.63
N ASN A 80 -20.90 -12.28 12.14
CA ASN A 80 -21.51 -12.60 13.44
C ASN A 80 -20.54 -12.49 14.61
N THR A 81 -19.49 -11.69 14.45
CA THR A 81 -18.64 -11.29 15.57
C THR A 81 -19.17 -10.01 16.22
N ASN A 82 -20.10 -9.34 15.55
CA ASN A 82 -20.61 -8.02 15.95
C ASN A 82 -19.51 -6.95 16.10
N TYR A 83 -18.54 -6.98 15.19
CA TYR A 83 -17.37 -6.08 15.20
C TYR A 83 -17.71 -4.59 15.33
N GLU A 84 -18.83 -4.15 14.76
CA GLU A 84 -19.24 -2.73 14.83
C GLU A 84 -19.47 -2.26 16.28
N ASN A 85 -19.70 -3.22 17.18
CA ASN A 85 -20.00 -2.90 18.57
C ASN A 85 -18.94 -3.31 19.57
N TRP A 86 -17.78 -3.70 19.08
CA TRP A 86 -16.69 -4.14 19.93
C TRP A 86 -16.32 -3.11 21.02
N ASN A 87 -16.03 -3.63 22.19
CA ASN A 87 -15.61 -2.84 23.35
C ASN A 87 -14.17 -2.36 23.18
N HIS A 88 -13.96 -1.04 23.23
CA HIS A 88 -12.63 -0.41 23.17
C HIS A 88 -11.90 -0.69 21.87
N PHE A 89 -12.62 -1.11 20.83
CA PHE A 89 -11.97 -1.57 19.60
C PHE A 89 -12.86 -1.06 18.48
N LYS A 90 -12.31 -0.16 17.67
CA LYS A 90 -13.07 0.61 16.67
C LYS A 90 -12.46 0.45 15.27
N PHE A 91 -13.33 0.62 14.26
CA PHE A 91 -13.00 0.47 12.84
C PHE A 91 -13.27 1.78 12.12
N LEU A 92 -12.22 2.38 11.55
CA LEU A 92 -12.28 3.72 10.99
C LEU A 92 -12.16 3.72 9.46
N PRO A 93 -12.84 4.66 8.76
CA PRO A 93 -12.89 4.52 7.29
C PRO A 93 -11.61 4.98 6.60
N ASP A 94 -10.80 5.78 7.27
CA ASP A 94 -9.55 6.29 6.69
C ASP A 94 -8.43 6.34 7.75
N ASP A 95 -7.30 6.94 7.38
CA ASP A 95 -6.12 6.97 8.25
C ASP A 95 -5.88 8.33 8.93
N LYS A 96 -6.90 9.17 8.97
CA LYS A 96 -6.70 10.52 9.49
C LYS A 96 -6.21 10.50 10.93
N ILE A 97 -6.62 9.48 11.69
CA ILE A 97 -6.24 9.38 13.13
C ILE A 97 -4.69 9.36 13.28
N MET A 98 -3.97 8.91 12.24
CA MET A 98 -2.51 8.77 12.37
C MET A 98 -1.76 10.09 12.28
N PHE A 99 -2.47 11.14 11.89
CA PHE A 99 -1.88 12.46 11.74
C PHE A 99 -2.32 13.43 12.87
N GLY A 100 -2.99 12.92 13.89
CA GLY A 100 -3.48 13.74 15.01
C GLY A 100 -4.99 13.92 14.96
N ASP A 101 -5.63 13.91 16.12
CA ASP A 101 -7.04 14.30 16.23
C ASP A 101 -7.24 15.02 17.57
N GLU A 102 -8.49 15.29 17.92
CA GLU A 102 -8.84 16.00 19.17
C GLU A 102 -8.46 15.30 20.49
N HIS A 103 -8.23 14.00 20.46
CA HIS A 103 -7.88 13.23 21.66
C HIS A 103 -6.36 13.17 21.83
N ILE A 104 -5.64 12.91 20.73
CA ILE A 104 -4.18 12.85 20.77
C ILE A 104 -3.61 13.57 19.55
N SER A 105 -2.69 14.52 19.80
CA SER A 105 -2.10 15.29 18.72
C SER A 105 -0.86 14.62 18.10
N LYS A 106 -0.41 15.14 16.96
CA LYS A 106 0.69 14.55 16.17
C LYS A 106 2.02 14.36 16.91
N ASP A 107 2.33 15.24 17.86
CA ASP A 107 3.58 15.12 18.60
C ASP A 107 3.57 13.98 19.63
N LYS A 108 2.44 13.27 19.75
CA LYS A 108 2.30 12.17 20.68
C LYS A 108 2.09 10.81 19.96
N ILE A 109 2.35 10.79 18.66
CA ILE A 109 2.16 9.59 17.83
C ILE A 109 3.52 9.01 17.41
N VAL A 110 3.67 7.70 17.60
CA VAL A 110 4.88 6.96 17.21
C VAL A 110 4.49 5.78 16.32
N TYR A 111 5.30 5.50 15.29
CA TYR A 111 5.08 4.30 14.47
C TYR A 111 6.10 3.24 14.88
N LEU A 112 5.61 2.06 15.27
CA LEU A 112 6.50 0.98 15.71
C LEU A 112 7.02 0.23 14.49
N THR A 113 8.32 0.00 14.43
CA THR A 113 8.87 -0.79 13.32
C THR A 113 10.15 -1.45 13.78
N ALA A 114 10.33 -2.70 13.36
CA ALA A 114 11.56 -3.47 13.71
C ALA A 114 12.80 -2.90 13.03
N ASP A 115 12.61 -2.05 12.02
CA ASP A 115 13.75 -1.63 11.16
C ASP A 115 14.41 -0.34 11.58
N THR A 116 13.96 0.24 12.67
CA THR A 116 14.58 1.45 13.14
CA THR A 116 14.60 1.49 13.05
C THR A 116 15.52 1.14 14.31
N GLU A 117 16.56 1.97 14.43
CA GLU A 117 17.58 1.84 15.46
C GLU A 117 17.05 2.18 16.85
N GLU A 118 16.32 3.30 16.95
CA GLU A 118 15.89 3.80 18.24
C GLU A 118 14.86 2.89 18.92
N LYS A 119 15.20 2.48 20.14
CA LYS A 119 14.33 1.61 20.93
C LYS A 119 13.29 2.42 21.69
N LEU A 120 12.09 1.86 21.80
CA LEU A 120 11.05 2.39 22.68
C LEU A 120 11.56 2.19 24.12
N GLU A 121 11.47 3.19 24.99
CA GLU A 121 11.82 2.96 26.41
C GLU A 121 10.62 2.43 27.19
N LYS A 122 9.47 3.09 27.03
CA LYS A 122 8.26 2.72 27.76
C LYS A 122 7.03 3.05 26.91
N LEU A 123 5.89 2.52 27.29
CA LEU A 123 4.63 2.99 26.73
C LEU A 123 4.02 3.98 27.73
N GLU A 124 3.53 5.09 27.21
CA GLU A 124 3.14 6.22 28.06
C GLU A 124 1.67 6.52 27.82
N PRO A 125 0.90 6.70 28.90
CA PRO A 125 -0.49 7.21 28.75
C PRO A 125 -0.53 8.50 27.99
N GLY A 126 -1.47 8.63 27.06
CA GLY A 126 -1.67 9.83 26.24
C GLY A 126 -0.99 9.75 24.88
N MET A 127 -0.27 8.65 24.68
CA MET A 127 0.36 8.41 23.40
C MET A 127 -0.41 7.43 22.52
N ARG A 128 -0.23 7.59 21.22
CA ARG A 128 -0.88 6.76 20.23
C ARG A 128 0.23 6.03 19.45
N TYR A 129 0.19 4.71 19.48
CA TYR A 129 1.22 3.90 18.82
C TYR A 129 0.64 3.22 17.59
N ILE A 130 1.32 3.35 16.45
CA ILE A 130 0.82 2.74 15.21
C ILE A 130 1.58 1.43 14.98
N VAL A 131 0.84 0.36 14.67
CA VAL A 131 1.38 -0.97 14.37
C VAL A 131 0.93 -1.35 12.93
N GLY A 132 1.87 -1.76 12.08
CA GLY A 132 1.48 -2.13 10.72
C GLY A 132 0.56 -3.33 10.64
N GLY A 133 -0.59 -3.15 10.00
CA GLY A 133 -1.57 -4.22 9.90
C GLY A 133 -1.27 -4.85 8.54
N ILE A 134 -0.40 -5.83 8.55
CA ILE A 134 0.03 -6.53 7.32
C ILE A 134 0.59 -7.87 7.67
N VAL A 135 0.21 -8.89 6.89
CA VAL A 135 0.76 -10.22 7.12
C VAL A 135 1.64 -10.52 5.90
N ASP A 136 2.94 -10.24 6.01
CA ASP A 136 3.85 -10.39 4.88
C ASP A 136 5.07 -11.26 5.20
N LYS A 137 5.13 -11.78 6.42
CA LYS A 137 6.38 -12.38 6.93
C LYS A 137 7.63 -11.56 6.60
N ASN A 138 7.51 -10.23 6.71
CA ASN A 138 8.58 -9.30 6.46
C ASN A 138 9.20 -9.32 5.04
N ARG A 139 8.40 -9.76 4.07
CA ARG A 139 8.82 -9.74 2.67
C ARG A 139 8.97 -8.32 2.09
N TYR A 140 8.14 -7.38 2.54
CA TYR A 140 8.30 -5.99 2.14
C TYR A 140 9.26 -5.27 3.11
N LYS A 141 10.56 -5.40 2.83
CA LYS A 141 11.58 -4.91 3.74
C LYS A 141 11.47 -3.42 3.97
N GLU A 142 11.48 -3.02 5.23
CA GLU A 142 11.47 -1.59 5.64
C GLU A 142 10.23 -0.82 5.18
N LEU A 143 9.15 -1.54 4.87
CA LEU A 143 7.93 -0.88 4.34
C LEU A 143 7.38 0.17 5.35
N CYS A 144 7.10 -0.27 6.56
CA CYS A 144 6.54 0.64 7.58
C CYS A 144 7.51 1.77 7.98
N LEU A 145 8.80 1.46 8.11
CA LEU A 145 9.81 2.49 8.36
C LEU A 145 9.75 3.60 7.31
N LYS A 146 9.82 3.23 6.02
CA LYS A 146 9.81 4.25 4.97
C LYS A 146 8.47 5.01 4.95
N LYS A 147 7.38 4.31 5.24
CA LYS A 147 6.04 4.94 5.20
C LYS A 147 5.94 5.96 6.34
N ALA A 148 6.36 5.56 7.54
CA ALA A 148 6.31 6.48 8.71
C ALA A 148 7.14 7.73 8.40
N GLN A 149 8.29 7.52 7.75
CA GLN A 149 9.14 8.67 7.37
C GLN A 149 8.38 9.62 6.44
N LYS A 150 7.66 9.05 5.47
CA LYS A 150 6.85 9.82 4.57
C LYS A 150 5.70 10.56 5.28
N MET A 151 5.11 9.91 6.27
CA MET A 151 4.02 10.52 7.04
C MET A 151 4.55 11.57 8.01
N GLY A 152 5.87 11.60 8.23
CA GLY A 152 6.51 12.47 9.21
C GLY A 152 6.25 12.08 10.66
N ILE A 153 6.18 10.78 10.91
CA ILE A 153 5.91 10.24 12.25
C ILE A 153 7.19 9.55 12.74
N PRO A 154 7.65 9.90 13.96
CA PRO A 154 8.81 9.22 14.52
C PRO A 154 8.63 7.71 14.64
N THR A 155 9.73 6.98 14.45
CA THR A 155 9.70 5.53 14.55
C THR A 155 10.46 5.04 15.77
N ARG A 156 10.00 3.93 16.32
CA ARG A 156 10.62 3.25 17.47
C ARG A 156 10.52 1.75 17.30
N ARG A 157 11.56 1.01 17.72
CA ARG A 157 11.43 -0.43 17.74
C ARG A 157 11.17 -0.96 19.17
N LEU A 158 10.55 -2.14 19.28
CA LEU A 158 10.26 -2.76 20.56
C LEU A 158 11.60 -3.19 21.19
N PRO A 159 11.82 -2.88 22.48
CA PRO A 159 13.11 -3.20 23.14
C PRO A 159 13.16 -4.66 23.55
N ILE A 160 13.15 -5.56 22.57
CA ILE A 160 13.01 -6.99 22.86
C ILE A 160 14.08 -7.84 22.17
N ASP A 161 15.00 -7.18 21.47
CA ASP A 161 15.99 -7.94 20.71
C ASP A 161 16.96 -8.65 21.65
N GLU A 162 17.15 -8.08 22.83
CA GLU A 162 17.91 -8.72 23.93
C GLU A 162 17.35 -10.08 24.35
N TYR A 163 16.08 -10.36 24.02
CA TYR A 163 15.38 -11.59 24.41
C TYR A 163 15.13 -12.57 23.26
N ILE A 164 15.56 -12.20 22.07
CA ILE A 164 15.43 -13.01 20.89
C ILE A 164 16.87 -13.41 20.42
N ASN A 165 17.11 -14.68 20.22
CA ASN A 165 18.18 -15.30 19.75
C ASN A 165 18.16 -15.24 18.26
N LEU A 166 19.30 -15.39 17.64
CA LEU A 166 19.32 -15.26 16.19
C LEU A 166 18.34 -16.10 15.41
N GLU A 167 18.03 -17.26 15.93
CA GLU A 167 17.34 -18.25 15.18
C GLU A 167 15.85 -18.01 15.18
N GLY A 168 15.41 -17.09 16.02
CA GLY A 168 13.98 -16.80 16.22
C GLY A 168 13.47 -15.66 15.36
N ARG A 169 12.22 -15.30 15.57
CA ARG A 169 11.58 -14.28 14.74
C ARG A 169 11.49 -12.95 15.50
N ARG A 170 12.32 -11.98 15.12
CA ARG A 170 12.31 -10.67 15.75
C ARG A 170 11.24 -9.75 15.18
N VAL A 171 10.78 -10.04 13.96
CA VAL A 171 9.68 -9.26 13.37
C VAL A 171 8.38 -9.98 13.71
N LEU A 172 7.75 -9.51 14.78
CA LEU A 172 6.53 -10.11 15.30
C LEU A 172 5.30 -9.88 14.43
N THR A 173 4.32 -10.75 14.60
CA THR A 173 3.03 -10.56 14.00
C THR A 173 2.32 -9.35 14.63
N THR A 174 1.43 -8.72 13.88
CA THR A 174 0.59 -7.62 14.38
C THR A 174 -0.02 -7.96 15.74
N THR A 175 -0.63 -9.14 15.85
CA THR A 175 -1.30 -9.51 17.11
CA THR A 175 -1.29 -9.47 17.02
C THR A 175 -0.34 -9.80 18.26
N HIS A 176 0.82 -10.39 17.98
CA HIS A 176 1.84 -10.57 19.00
C HIS A 176 2.32 -9.22 19.56
N VAL A 177 2.41 -8.21 18.70
CA VAL A 177 2.87 -6.86 19.14
C VAL A 177 1.83 -6.28 20.09
N VAL A 178 0.56 -6.38 19.70
CA VAL A 178 -0.52 -5.88 20.56
C VAL A 178 -0.51 -6.63 21.90
N GLN A 179 -0.46 -7.95 21.86
CA GLN A 179 -0.42 -8.76 23.09
C GLN A 179 0.74 -8.37 24.03
N LEU A 180 1.92 -8.16 23.44
CA LEU A 180 3.09 -7.76 24.18
C LEU A 180 2.88 -6.39 24.84
N MET A 181 2.33 -5.44 24.07
CA MET A 181 2.10 -4.08 24.56
C MET A 181 1.12 -4.10 25.71
N LEU A 182 0.07 -4.92 25.60
CA LEU A 182 -0.87 -5.02 26.71
C LEU A 182 -0.25 -5.65 27.96
N LYS A 183 0.46 -6.75 27.78
CA LYS A 183 1.16 -7.43 28.88
C LYS A 183 2.17 -6.52 29.58
N TYR A 184 2.74 -5.58 28.84
CA TYR A 184 3.72 -4.66 29.40
C TYR A 184 3.20 -3.92 30.66
N PHE A 185 1.94 -3.48 30.62
CA PHE A 185 1.37 -2.69 31.72
C PHE A 185 1.19 -3.44 33.06
N ASP A 186 1.26 -4.77 33.03
CA ASP A 186 1.09 -5.59 34.23
C ASP A 186 2.19 -5.15 35.22
N ASP A 187 3.45 -5.22 34.79
CA ASP A 187 4.58 -4.83 35.65
C ASP A 187 5.53 -3.75 35.12
N HIS A 188 5.35 -3.32 33.88
CA HIS A 188 6.24 -2.36 33.20
C HIS A 188 7.60 -3.00 32.92
N ASN A 189 7.58 -4.30 32.70
CA ASN A 189 8.80 -5.07 32.48
C ASN A 189 8.75 -5.71 31.08
N TRP A 190 9.58 -5.21 30.18
CA TRP A 190 9.57 -5.73 28.79
C TRP A 190 9.91 -7.22 28.70
N LYS A 191 10.91 -7.67 29.46
CA LYS A 191 11.28 -9.09 29.42
C LYS A 191 10.11 -9.99 29.82
N ASN A 192 9.47 -9.65 30.94
CA ASN A 192 8.34 -10.46 31.38
C ASN A 192 7.19 -10.43 30.38
N ALA A 193 6.94 -9.28 29.77
CA ALA A 193 5.87 -9.17 28.79
C ALA A 193 6.21 -10.03 27.56
N PHE A 194 7.47 -10.02 27.16
CA PHE A 194 7.90 -10.83 26.03
C PHE A 194 7.78 -12.32 26.31
N GLU A 195 8.27 -12.74 27.47
CA GLU A 195 8.19 -14.14 27.88
C GLU A 195 6.77 -14.65 28.09
N SER A 196 5.83 -13.74 28.40
CA SER A 196 4.42 -14.12 28.52
C SER A 196 3.81 -14.42 27.16
N VAL A 197 4.17 -13.63 26.16
CA VAL A 197 3.61 -13.73 24.82
C VAL A 197 4.34 -14.75 23.94
N LEU A 198 5.67 -14.75 24.02
CA LEU A 198 6.48 -15.73 23.26
C LEU A 198 7.34 -16.59 24.18
N PRO A 199 6.73 -17.62 24.82
CA PRO A 199 7.42 -18.52 25.77
C PRO A 199 8.73 -19.09 25.21
N PRO A 200 9.81 -19.05 26.02
CA PRO A 200 11.18 -19.38 25.55
C PRO A 200 11.41 -20.87 25.28
N HIS B 8 -17.49 16.26 -22.94
CA HIS B 8 -16.47 17.23 -23.41
C HIS B 8 -15.95 16.84 -24.80
N MET B 9 -15.20 17.73 -25.41
CA MET B 9 -14.63 17.48 -26.73
C MET B 9 -13.11 17.61 -26.67
N PRO B 10 -12.44 16.50 -26.39
CA PRO B 10 -11.00 16.58 -26.23
C PRO B 10 -10.28 16.81 -27.56
N ARG B 11 -9.13 17.45 -27.51
CA ARG B 11 -8.26 17.54 -28.68
C ARG B 11 -7.61 16.19 -28.92
N ILE B 12 -7.75 15.63 -30.12
CA ILE B 12 -7.12 14.34 -30.42
C ILE B 12 -6.26 14.39 -31.67
N ASN B 13 -5.44 13.35 -31.85
CA ASN B 13 -4.72 13.08 -33.10
C ASN B 13 -5.79 12.28 -33.83
N VAL B 14 -6.32 12.84 -34.91
CA VAL B 14 -7.48 12.23 -35.52
C VAL B 14 -7.03 11.09 -36.46
N ASN B 15 -5.72 11.00 -36.71
CA ASN B 15 -5.18 9.87 -37.48
C ASN B 15 -4.77 8.65 -36.63
N GLN B 16 -4.88 8.78 -35.30
CA GLN B 16 -4.43 7.70 -34.41
C GLN B 16 -5.25 6.43 -34.51
N THR B 17 -4.58 5.29 -34.34
CA THR B 17 -5.22 4.00 -34.37
C THR B 17 -4.90 3.17 -33.12
N ASP B 18 -5.73 2.16 -32.84
CA ASP B 18 -5.62 1.35 -31.63
C ASP B 18 -4.36 0.46 -31.67
N SER B 19 -3.48 0.61 -30.68
CA SER B 19 -2.30 -0.29 -30.54
C SER B 19 -2.74 -1.68 -30.18
N GLY B 20 -3.93 -1.81 -29.57
CA GLY B 20 -4.48 -3.10 -29.17
C GLY B 20 -4.02 -3.56 -27.78
N ILE B 21 -3.27 -2.70 -27.08
CA ILE B 21 -2.84 -3.05 -25.72
C ILE B 21 -3.62 -2.25 -24.69
N GLU B 22 -3.66 -2.77 -23.47
CA GLU B 22 -4.19 -2.03 -22.33
C GLU B 22 -3.06 -1.70 -21.38
N ILE B 23 -3.16 -0.58 -20.69
CA ILE B 23 -2.13 -0.22 -19.69
C ILE B 23 -2.92 0.09 -18.45
N ILE B 24 -2.56 -0.54 -17.33
CA ILE B 24 -3.21 -0.25 -16.07
C ILE B 24 -2.23 0.57 -15.24
N LEU B 25 -2.66 1.72 -14.77
CA LEU B 25 -1.86 2.49 -13.80
C LEU B 25 -2.38 1.96 -12.47
N ASP B 26 -1.50 1.28 -11.73
CA ASP B 26 -1.86 0.59 -10.51
C ASP B 26 -1.69 1.64 -9.40
N CYS B 27 -2.80 2.25 -9.00
CA CYS B 27 -2.73 3.37 -8.05
C CYS B 27 -3.23 2.87 -6.69
N SER B 28 -2.63 1.78 -6.22
CA SER B 28 -3.09 1.23 -4.95
C SER B 28 -2.21 1.68 -3.75
N PHE B 29 -1.40 2.68 -3.99
CA PHE B 29 -0.33 3.05 -3.05
C PHE B 29 -0.53 4.39 -2.34
N ASP B 30 -1.78 4.88 -2.30
CA ASP B 30 -2.08 6.24 -1.81
C ASP B 30 -1.33 6.53 -0.54
N GLU B 31 -1.44 5.62 0.43
N GLU B 31 -1.46 5.63 0.44
CA GLU B 31 -0.94 5.82 1.81
CA GLU B 31 -0.94 5.86 1.81
C GLU B 31 0.58 5.87 1.89
C GLU B 31 0.59 5.86 1.90
N LEU B 32 1.25 5.45 0.82
CA LEU B 32 2.73 5.46 0.80
C LEU B 32 3.34 6.79 0.39
N MET B 33 2.51 7.72 -0.07
CA MET B 33 2.98 8.99 -0.61
C MET B 33 2.60 10.12 0.33
N ASN B 34 3.33 11.24 0.25
CA ASN B 34 2.90 12.47 0.89
C ASN B 34 2.02 13.31 -0.05
N ASP B 35 1.57 14.47 0.44
CA ASP B 35 0.69 15.31 -0.34
C ASP B 35 1.35 15.82 -1.61
N LYS B 36 2.63 16.16 -1.55
CA LYS B 36 3.37 16.66 -2.69
C LYS B 36 3.34 15.58 -3.79
N GLU B 37 3.53 14.33 -3.37
CA GLU B 37 3.60 13.20 -4.30
C GLU B 37 2.27 12.80 -4.92
N ILE B 38 1.19 12.97 -4.18
CA ILE B 38 -0.17 12.77 -4.73
C ILE B 38 -0.47 13.80 -5.83
N VAL B 39 0.02 15.03 -5.62
CA VAL B 39 -0.02 16.08 -6.64
C VAL B 39 0.75 15.66 -7.90
N SER B 40 2.01 15.30 -7.72
CA SER B 40 2.83 14.76 -8.82
C SER B 40 2.12 13.61 -9.56
N LEU B 41 1.48 12.69 -8.83
CA LEU B 41 0.77 11.55 -9.45
C LEU B 41 -0.39 11.98 -10.34
N SER B 42 -1.26 12.85 -9.81
CA SER B 42 -2.40 13.35 -10.55
C SER B 42 -2.00 14.03 -11.87
N ASN B 43 -0.89 14.76 -11.85
CA ASN B 43 -0.31 15.42 -13.03
C ASN B 43 0.35 14.42 -13.99
N GLN B 44 0.88 13.34 -13.43
CA GLN B 44 1.41 12.28 -14.28
C GLN B 44 0.27 11.61 -15.03
N VAL B 45 -0.87 11.45 -14.36
CA VAL B 45 -2.06 10.86 -14.96
C VAL B 45 -2.59 11.74 -16.11
N THR B 46 -2.70 13.05 -15.87
CA THR B 46 -3.11 13.99 -16.93
C THR B 46 -2.14 14.00 -18.12
N ARG B 47 -0.85 13.87 -17.82
CA ARG B 47 0.17 13.83 -18.87
C ARG B 47 0.00 12.56 -19.70
N ALA B 48 -0.24 11.44 -19.03
CA ALA B 48 -0.47 10.15 -19.71
C ALA B 48 -1.58 10.28 -20.72
N TYR B 49 -2.67 10.93 -20.29
CA TYR B 49 -3.81 11.19 -21.15
C TYR B 49 -3.41 12.05 -22.34
N SER B 50 -2.66 13.13 -22.09
CA SER B 50 -2.15 13.97 -23.19
C SER B 50 -1.34 13.12 -24.18
N ALA B 51 -0.43 12.28 -23.66
CA ALA B 51 0.38 11.39 -24.51
C ALA B 51 -0.46 10.46 -25.34
N ASN B 52 -1.50 9.89 -24.74
CA ASN B 52 -2.41 8.97 -25.41
C ASN B 52 -3.18 9.64 -26.53
N ARG B 53 -3.68 10.85 -26.28
CA ARG B 53 -4.43 11.59 -27.29
C ARG B 53 -3.55 12.05 -28.47
N ARG B 54 -2.26 12.32 -28.19
CA ARG B 54 -1.32 12.76 -29.22
C ARG B 54 -0.75 11.58 -30.04
N ALA B 55 -0.70 10.40 -29.45
CA ALA B 55 0.03 9.26 -30.02
C ALA B 55 -0.51 8.84 -31.39
N ASN B 56 0.36 8.41 -32.31
CA ASN B 56 -0.14 7.77 -33.54
C ASN B 56 -0.85 6.47 -33.23
N HIS B 57 -0.44 5.81 -32.15
CA HIS B 57 -1.09 4.58 -31.70
C HIS B 57 -1.46 4.66 -30.23
N PHE B 58 -2.75 4.61 -29.91
CA PHE B 58 -3.18 4.80 -28.54
C PHE B 58 -3.31 3.45 -27.83
N ALA B 59 -3.33 3.49 -26.52
CA ALA B 59 -3.69 2.34 -25.71
C ALA B 59 -5.02 2.59 -24.99
N GLU B 60 -5.67 1.54 -24.53
CA GLU B 60 -6.78 1.66 -23.58
C GLU B 60 -6.17 1.73 -22.20
N ILE B 61 -6.21 2.91 -21.60
CA ILE B 61 -5.52 3.13 -20.29
C ILE B 61 -6.55 3.10 -19.18
N LYS B 62 -6.19 2.48 -18.05
CA LYS B 62 -7.10 2.43 -16.92
C LYS B 62 -6.32 2.84 -15.68
N VAL B 63 -6.98 3.63 -14.85
CA VAL B 63 -6.50 3.91 -13.49
C VAL B 63 -7.30 3.04 -12.51
N ALA B 64 -6.61 2.16 -11.78
CA ALA B 64 -7.24 1.18 -10.89
C ALA B 64 -6.31 0.82 -9.73
N PRO B 65 -6.80 0.84 -8.47
CA PRO B 65 -8.04 1.46 -8.02
C PRO B 65 -7.89 2.95 -8.11
N PHE B 66 -9.01 3.67 -8.17
CA PHE B 66 -8.98 5.11 -8.18
C PHE B 66 -9.69 5.51 -6.90
N ASP B 67 -8.92 5.97 -5.91
CA ASP B 67 -9.46 6.16 -4.58
C ASP B 67 -8.65 7.13 -3.73
N LYS B 68 -9.18 7.43 -2.54
CA LYS B 68 -8.42 8.11 -1.49
C LYS B 68 -7.95 9.45 -2.01
N ARG B 69 -6.74 9.89 -1.68
CA ARG B 69 -6.37 11.27 -2.00
C ARG B 69 -6.26 11.59 -3.49
N LEU B 70 -5.84 10.60 -4.29
CA LEU B 70 -5.83 10.79 -5.73
C LEU B 70 -7.23 11.12 -6.26
N LYS B 71 -8.21 10.32 -5.88
CA LYS B 71 -9.59 10.55 -6.30
C LYS B 71 -10.05 11.93 -5.81
N GLN B 72 -9.81 12.20 -4.53
CA GLN B 72 -10.14 13.51 -3.94
C GLN B 72 -9.55 14.68 -4.74
N ARG B 73 -8.31 14.56 -5.18
CA ARG B 73 -7.70 15.63 -5.96
C ARG B 73 -8.37 15.85 -7.31
N PHE B 74 -8.79 14.74 -7.94
CA PHE B 74 -9.53 14.82 -9.20
C PHE B 74 -10.95 15.39 -9.00
N GLU B 75 -11.60 15.00 -7.92
CA GLU B 75 -12.94 15.51 -7.61
C GLU B 75 -12.93 17.01 -7.25
N THR B 76 -11.76 17.55 -6.94
CA THR B 76 -11.62 18.95 -6.53
C THR B 76 -10.75 19.91 -7.36
N THR B 77 -9.42 19.77 -7.28
CA THR B 77 -8.51 20.68 -7.99
C THR B 77 -8.59 20.44 -9.51
N LEU B 78 -8.81 19.18 -9.92
CA LEU B 78 -8.84 18.84 -11.36
C LEU B 78 -10.23 18.53 -11.93
N LYS B 79 -11.28 18.93 -11.21
CA LYS B 79 -12.67 18.71 -11.65
C LYS B 79 -12.94 19.25 -13.07
N ASN B 80 -12.18 20.27 -13.46
CA ASN B 80 -12.32 20.93 -14.75
C ASN B 80 -11.84 20.13 -15.97
N THR B 81 -11.13 19.03 -15.71
CA THR B 81 -10.57 18.20 -16.77
C THR B 81 -11.62 17.31 -17.44
N ASN B 82 -12.79 17.19 -16.81
CA ASN B 82 -13.82 16.21 -17.19
C ASN B 82 -13.29 14.76 -17.34
N TYR B 83 -12.47 14.35 -16.38
CA TYR B 83 -11.83 13.03 -16.35
C TYR B 83 -12.81 11.86 -16.52
N GLU B 84 -14.03 12.00 -16.04
CA GLU B 84 -15.03 10.91 -16.17
C GLU B 84 -15.36 10.57 -17.63
N ASN B 85 -15.05 11.50 -18.53
CA ASN B 85 -15.39 11.34 -19.95
C ASN B 85 -14.20 11.14 -20.86
N TRP B 86 -13.01 11.06 -20.27
CA TRP B 86 -11.78 10.96 -21.04
C TRP B 86 -11.84 9.86 -22.13
N ASN B 87 -11.27 10.19 -23.28
CA ASN B 87 -11.17 9.27 -24.42
C ASN B 87 -10.11 8.17 -24.16
N HIS B 88 -10.54 6.92 -24.18
CA HIS B 88 -9.66 5.72 -24.05
C HIS B 88 -9.04 5.56 -22.68
N PHE B 89 -9.48 6.40 -21.73
CA PHE B 89 -8.79 6.50 -20.45
C PHE B 89 -9.84 6.48 -19.36
N LYS B 90 -9.88 5.38 -18.61
CA LYS B 90 -10.92 5.06 -17.63
C LYS B 90 -10.37 4.99 -16.19
N PHE B 91 -11.28 5.24 -15.23
CA PHE B 91 -10.99 5.25 -13.80
C PHE B 91 -11.87 4.20 -13.12
N LEU B 92 -11.25 3.20 -12.49
CA LEU B 92 -11.94 2.04 -11.94
C LEU B 92 -11.91 1.97 -10.40
N PRO B 93 -12.99 1.44 -9.76
CA PRO B 93 -13.05 1.62 -8.30
C PRO B 93 -12.21 0.64 -7.50
N ASP B 94 -11.75 -0.43 -8.15
CA ASP B 94 -10.94 -1.45 -7.50
C ASP B 94 -9.90 -2.00 -8.49
N ASP B 95 -9.20 -3.04 -8.08
CA ASP B 95 -8.09 -3.60 -8.86
C ASP B 95 -8.42 -4.93 -9.55
N LYS B 96 -9.70 -5.25 -9.67
CA LYS B 96 -10.07 -6.56 -10.21
C LYS B 96 -9.55 -6.75 -11.64
N ILE B 97 -9.43 -5.65 -12.38
CA ILE B 97 -8.95 -5.73 -13.77
C ILE B 97 -7.56 -6.40 -13.84
N MET B 98 -6.77 -6.29 -12.77
CA MET B 98 -5.41 -6.81 -12.79
C MET B 98 -5.33 -8.34 -12.68
N PHE B 99 -6.47 -8.94 -12.36
CA PHE B 99 -6.56 -10.38 -12.18
C PHE B 99 -7.30 -11.06 -13.33
N GLY B 100 -7.56 -10.35 -14.42
CA GLY B 100 -8.27 -10.91 -15.59
C GLY B 100 -9.70 -10.39 -15.63
N ASP B 101 -10.21 -10.08 -16.81
CA ASP B 101 -11.64 -9.80 -17.01
C ASP B 101 -12.08 -10.37 -18.36
N GLU B 102 -13.30 -10.07 -18.79
CA GLU B 102 -13.83 -10.58 -20.06
C GLU B 102 -13.17 -10.09 -21.36
N HIS B 103 -12.28 -9.10 -21.26
CA HIS B 103 -11.60 -8.58 -22.42
C HIS B 103 -10.21 -9.21 -22.51
N ILE B 104 -9.50 -9.29 -21.37
CA ILE B 104 -8.17 -9.88 -21.34
C ILE B 104 -8.05 -10.75 -20.10
N SER B 105 -7.68 -12.02 -20.30
CA SER B 105 -7.56 -12.97 -19.20
C SER B 105 -6.20 -12.89 -18.49
N LYS B 106 -6.10 -13.58 -17.35
CA LYS B 106 -4.89 -13.53 -16.49
C LYS B 106 -3.60 -13.91 -17.16
N ASP B 107 -3.65 -14.85 -18.10
CA ASP B 107 -2.42 -15.31 -18.73
C ASP B 107 -1.81 -14.28 -19.69
N LYS B 108 -2.56 -13.23 -20.02
CA LYS B 108 -2.09 -12.16 -20.88
C LYS B 108 -1.73 -10.85 -20.16
N ILE B 109 -1.60 -10.93 -18.84
CA ILE B 109 -1.26 -9.75 -17.99
C ILE B 109 0.18 -9.85 -17.48
N VAL B 110 0.89 -8.73 -17.63
CA VAL B 110 2.27 -8.58 -17.17
C VAL B 110 2.40 -7.35 -16.27
N TYR B 111 3.21 -7.45 -15.21
CA TYR B 111 3.49 -6.29 -14.36
C TYR B 111 4.90 -5.79 -14.69
N LEU B 112 5.02 -4.54 -15.09
CA LEU B 112 6.32 -3.97 -15.42
C LEU B 112 7.02 -3.49 -14.15
N THR B 113 8.29 -3.87 -14.01
CA THR B 113 9.07 -3.41 -12.86
C THR B 113 10.55 -3.44 -13.26
N ALA B 114 11.27 -2.41 -12.83
CA ALA B 114 12.71 -2.27 -13.10
C ALA B 114 13.53 -3.34 -12.35
N ASP B 115 12.91 -3.99 -11.37
CA ASP B 115 13.67 -4.87 -10.43
C ASP B 115 13.68 -6.34 -10.83
N THR B 116 13.09 -6.66 -11.98
CA THR B 116 13.13 -8.03 -12.48
C THR B 116 14.24 -8.17 -13.53
N GLU B 117 14.84 -9.36 -13.55
CA GLU B 117 15.89 -9.71 -14.53
C GLU B 117 15.35 -9.73 -15.96
N GLU B 118 14.23 -10.44 -16.14
CA GLU B 118 13.64 -10.71 -17.44
C GLU B 118 13.15 -9.45 -18.16
N LYS B 119 13.70 -9.24 -19.36
CA LYS B 119 13.34 -8.10 -20.18
C LYS B 119 12.09 -8.39 -21.01
N LEU B 120 11.27 -7.36 -21.19
CA LEU B 120 10.16 -7.40 -22.13
C LEU B 120 10.79 -7.45 -23.53
N GLU B 121 10.31 -8.30 -24.44
CA GLU B 121 10.85 -8.26 -25.81
C GLU B 121 10.06 -7.27 -26.69
N LYS B 122 8.75 -7.35 -26.60
CA LYS B 122 7.86 -6.50 -27.41
C LYS B 122 6.58 -6.22 -26.63
N LEU B 123 5.84 -5.20 -27.07
CA LEU B 123 4.46 -5.08 -26.61
C LEU B 123 3.54 -5.71 -27.66
N GLU B 124 2.58 -6.48 -27.18
CA GLU B 124 1.77 -7.33 -28.05
C GLU B 124 0.30 -6.94 -27.92
N PRO B 125 -0.39 -6.77 -29.04
CA PRO B 125 -1.87 -6.62 -28.98
C PRO B 125 -2.52 -7.77 -28.25
N GLY B 126 -3.52 -7.46 -27.41
CA GLY B 126 -4.27 -8.40 -26.60
C GLY B 126 -3.71 -8.59 -25.20
N MET B 127 -2.60 -7.91 -24.92
CA MET B 127 -2.01 -7.98 -23.61
C MET B 127 -2.30 -6.74 -22.76
N ARG B 128 -2.28 -6.95 -21.44
CA ARG B 128 -2.59 -5.90 -20.49
C ARG B 128 -1.31 -5.72 -19.66
N TYR B 129 -0.74 -4.52 -19.67
CA TYR B 129 0.49 -4.24 -18.90
C TYR B 129 0.23 -3.34 -17.72
N ILE B 130 0.71 -3.72 -16.55
CA ILE B 130 0.45 -2.96 -15.33
C ILE B 130 1.70 -2.12 -15.02
N VAL B 131 1.50 -0.83 -14.74
CA VAL B 131 2.56 0.10 -14.41
C VAL B 131 2.24 0.67 -13.01
N GLY B 132 3.20 0.63 -12.09
CA GLY B 132 2.95 1.16 -10.75
C GLY B 132 2.66 2.66 -10.72
N GLY B 133 1.53 3.02 -10.13
CA GLY B 133 1.09 4.40 -10.05
C GLY B 133 1.56 4.89 -8.70
N ILE B 134 2.82 5.28 -8.64
CA ILE B 134 3.44 5.75 -7.38
C ILE B 134 4.53 6.76 -7.71
N VAL B 135 4.67 7.76 -6.85
CA VAL B 135 5.72 8.75 -7.05
C VAL B 135 6.54 8.62 -5.77
N ASP B 136 7.59 7.80 -5.83
CA ASP B 136 8.41 7.52 -4.64
C ASP B 136 9.88 7.80 -4.86
N LYS B 137 10.27 8.11 -6.10
CA LYS B 137 11.68 8.15 -6.52
C LYS B 137 12.41 6.86 -6.13
N ASN B 138 11.71 5.76 -6.26
CA ASN B 138 12.23 4.44 -5.93
C ASN B 138 12.68 4.23 -4.47
N ARG B 139 12.07 4.93 -3.56
CA ARG B 139 12.30 4.73 -2.12
C ARG B 139 11.81 3.40 -1.58
N TYR B 140 10.70 2.92 -2.09
CA TYR B 140 10.22 1.61 -1.70
C TYR B 140 10.88 0.68 -2.73
N LYS B 141 11.96 0.03 -2.29
CA LYS B 141 12.78 -0.78 -3.16
C LYS B 141 12.02 -2.07 -3.38
N GLU B 142 11.91 -2.48 -4.65
CA GLU B 142 11.29 -3.76 -5.03
C GLU B 142 9.80 -3.88 -4.66
N LEU B 143 9.14 -2.76 -4.41
CA LEU B 143 7.72 -2.79 -3.98
C LEU B 143 6.82 -3.49 -5.03
N CYS B 144 6.85 -3.01 -6.26
CA CYS B 144 6.00 -3.59 -7.31
C CYS B 144 6.39 -5.03 -7.67
N LEU B 145 7.69 -5.33 -7.70
CA LEU B 145 8.16 -6.70 -7.90
C LEU B 145 7.53 -7.65 -6.88
N LYS B 146 7.64 -7.32 -5.59
CA LYS B 146 7.14 -8.26 -4.59
C LYS B 146 5.60 -8.31 -4.62
N LYS B 147 4.96 -7.18 -4.95
CA LYS B 147 3.49 -7.15 -5.05
C LYS B 147 3.05 -8.07 -6.21
N ALA B 148 3.69 -7.91 -7.37
CA ALA B 148 3.31 -8.75 -8.54
C ALA B 148 3.45 -10.23 -8.20
N GLN B 149 4.53 -10.57 -7.50
CA GLN B 149 4.73 -11.95 -7.07
C GLN B 149 3.58 -12.42 -6.21
N LYS B 150 3.17 -11.58 -5.25
CA LYS B 150 2.04 -11.91 -4.44
C LYS B 150 0.72 -12.05 -5.22
N MET B 151 0.57 -11.23 -6.26
CA MET B 151 -0.63 -11.26 -7.10
C MET B 151 -0.62 -12.45 -8.05
N GLY B 152 0.56 -13.08 -8.20
CA GLY B 152 0.77 -14.18 -9.14
C GLY B 152 0.83 -13.73 -10.60
N ILE B 153 1.38 -12.54 -10.83
CA ILE B 153 1.44 -11.96 -12.16
C ILE B 153 2.93 -11.91 -12.57
N PRO B 154 3.26 -12.41 -13.77
CA PRO B 154 4.63 -12.37 -14.26
C PRO B 154 5.14 -10.94 -14.37
N THR B 155 6.43 -10.76 -14.07
CA THR B 155 7.07 -9.46 -14.14
C THR B 155 8.06 -9.39 -15.31
N ARG B 156 8.18 -8.20 -15.89
CA ARG B 156 9.13 -7.87 -16.96
C ARG B 156 9.68 -6.47 -16.76
N ARG B 157 10.95 -6.27 -17.12
CA ARG B 157 11.50 -4.95 -17.15
C ARG B 157 11.60 -4.37 -18.56
N LEU B 158 11.51 -3.06 -18.68
CA LEU B 158 11.66 -2.40 -19.98
C LEU B 158 13.09 -2.64 -20.51
N PRO B 159 13.23 -3.03 -21.80
CA PRO B 159 14.54 -3.32 -22.39
C PRO B 159 15.30 -2.04 -22.76
N ILE B 160 15.60 -1.22 -21.76
CA ILE B 160 16.13 0.11 -22.03
C ILE B 160 17.43 0.37 -21.27
N ASP B 161 17.91 -0.65 -20.56
CA ASP B 161 19.06 -0.45 -19.71
C ASP B 161 20.30 -0.17 -20.55
N GLU B 162 20.35 -0.70 -21.77
CA GLU B 162 21.48 -0.43 -22.66
C GLU B 162 21.54 1.02 -23.17
N TYR B 163 20.48 1.80 -22.93
CA TYR B 163 20.42 3.20 -23.34
C TYR B 163 20.57 4.19 -22.19
N ILE B 164 20.68 3.66 -20.97
CA ILE B 164 20.80 4.50 -19.80
C ILE B 164 22.22 4.28 -19.25
N ASN B 165 22.94 5.37 -19.04
CA ASN B 165 24.28 5.31 -18.45
C ASN B 165 24.18 5.25 -16.93
N LEU B 166 25.24 4.85 -16.25
CA LEU B 166 25.12 4.69 -14.79
C LEU B 166 24.63 5.92 -14.01
N GLU B 167 24.91 7.12 -14.52
CA GLU B 167 24.63 8.33 -13.75
C GLU B 167 23.22 8.90 -13.98
N GLY B 168 22.44 8.20 -14.81
CA GLY B 168 21.06 8.63 -15.12
C GLY B 168 20.00 7.84 -14.38
N ARG B 169 18.75 8.05 -14.76
CA ARG B 169 17.64 7.48 -14.02
C ARG B 169 17.01 6.30 -14.76
N ARG B 170 17.27 5.09 -14.30
CA ARG B 170 16.72 3.90 -14.94
C ARG B 170 15.33 3.51 -14.43
N VAL B 171 14.95 4.02 -13.26
CA VAL B 171 13.59 3.79 -12.75
C VAL B 171 12.77 4.99 -13.15
N LEU B 172 12.07 4.85 -14.27
CA LEU B 172 11.28 5.92 -14.83
C LEU B 172 10.03 6.25 -14.05
N THR B 173 9.55 7.47 -14.26
CA THR B 173 8.28 7.90 -13.76
C THR B 173 7.15 7.13 -14.48
N THR B 174 6.02 6.99 -13.80
CA THR B 174 4.79 6.40 -14.37
C THR B 174 4.50 6.95 -15.76
N THR B 175 4.50 8.28 -15.92
CA THR B 175 4.14 8.86 -17.22
C THR B 175 5.20 8.63 -18.31
N HIS B 176 6.46 8.70 -17.92
CA HIS B 176 7.53 8.41 -18.86
C HIS B 176 7.40 6.98 -19.39
N VAL B 177 6.97 6.05 -18.55
CA VAL B 177 6.80 4.63 -18.97
C VAL B 177 5.68 4.56 -20.00
N VAL B 178 4.57 5.22 -19.70
CA VAL B 178 3.44 5.26 -20.62
C VAL B 178 3.85 5.90 -21.95
N GLN B 179 4.48 7.06 -21.89
CA GLN B 179 4.95 7.75 -23.10
C GLN B 179 5.87 6.89 -23.97
N LEU B 180 6.81 6.20 -23.32
CA LEU B 180 7.70 5.28 -23.97
C LEU B 180 6.93 4.13 -24.65
N MET B 181 5.98 3.55 -23.93
CA MET B 181 5.20 2.42 -24.48
C MET B 181 4.39 2.83 -25.69
N LEU B 182 3.82 4.03 -25.63
CA LEU B 182 3.11 4.53 -26.81
C LEU B 182 4.04 4.79 -28.00
N LYS B 183 5.15 5.48 -27.74
CA LYS B 183 6.15 5.78 -28.77
C LYS B 183 6.70 4.51 -29.44
N TYR B 184 6.80 3.42 -28.69
CA TYR B 184 7.24 2.15 -29.22
C TYR B 184 6.49 1.73 -30.52
N PHE B 185 5.17 1.91 -30.55
CA PHE B 185 4.37 1.42 -31.68
C PHE B 185 4.63 2.15 -33.01
N ASP B 186 5.29 3.30 -32.95
CA ASP B 186 5.60 4.09 -34.15
C ASP B 186 6.41 3.15 -35.04
N ASP B 187 7.57 2.69 -34.56
CA ASP B 187 8.43 1.79 -35.34
C ASP B 187 8.76 0.40 -34.78
N HIS B 188 8.33 0.12 -33.55
CA HIS B 188 8.64 -1.13 -32.85
C HIS B 188 10.13 -1.17 -32.50
N ASN B 189 10.69 -0.01 -32.21
CA ASN B 189 12.11 0.12 -31.92
C ASN B 189 12.29 0.75 -30.53
N TRP B 190 12.75 -0.03 -29.57
CA TRP B 190 12.88 0.48 -28.19
C TRP B 190 13.82 1.68 -28.06
N LYS B 191 14.95 1.65 -28.77
CA LYS B 191 15.93 2.75 -28.72
C LYS B 191 15.31 4.07 -29.16
N ASN B 192 14.67 4.06 -30.33
CA ASN B 192 14.04 5.26 -30.83
C ASN B 192 12.93 5.73 -29.88
N ALA B 193 12.18 4.80 -29.28
CA ALA B 193 11.12 5.18 -28.37
C ALA B 193 11.72 5.83 -27.12
N PHE B 194 12.80 5.26 -26.62
CA PHE B 194 13.48 5.83 -25.45
C PHE B 194 14.06 7.20 -25.75
N GLU B 195 14.76 7.32 -26.87
CA GLU B 195 15.36 8.61 -27.25
C GLU B 195 14.33 9.70 -27.54
N SER B 196 13.12 9.31 -27.93
CA SER B 196 12.02 10.26 -28.09
C SER B 196 11.53 10.79 -26.77
N VAL B 197 11.43 9.92 -25.76
CA VAL B 197 10.88 10.32 -24.47
C VAL B 197 11.93 10.93 -23.53
N LEU B 198 13.11 10.35 -23.48
CA LEU B 198 14.20 10.89 -22.67
C LEU B 198 15.45 11.20 -23.51
N PRO B 199 15.44 12.37 -24.19
CA PRO B 199 16.63 12.80 -24.95
C PRO B 199 17.76 13.28 -24.02
N PRO B 200 19.02 13.24 -24.48
CA PRO B 200 19.49 12.70 -25.76
C PRO B 200 19.85 11.22 -25.65
#